data_1OL0
#
_entry.id   1OL0
#
_cell.length_a   75.300
_cell.length_b   75.300
_cell.length_c   101.780
_cell.angle_alpha   90.00
_cell.angle_beta   90.00
_cell.angle_gamma   120.00
#
_symmetry.space_group_name_H-M   'P 32 2 1'
#
loop_
_entity.id
_entity.type
_entity.pdbx_description
1 polymer 'IMMUNOGLOBULIN G'
2 non-polymer 'SULFATE ION'
3 non-polymer GLYCEROL
4 water water
#
_entity_poly.entity_id   1
_entity_poly.type   'polypeptide(L)'
_entity_poly.pdbx_seq_one_letter_code
;QVQLVESGGGLVQPGGSLRLSCAASGFTFSSYA(MSE)SWFRQAPGKEREIVSAVSGSGGSTYYADSVRGRFTISRDNSK
NTLYLQ(MSE)NSLRAEDTAVYYCAREPRIPRPPSFDYWGQGTLVTVSS
;
_entity_poly.pdbx_strand_id   A,B
#
loop_
_chem_comp.id
_chem_comp.type
_chem_comp.name
_chem_comp.formula
GOL non-polymer GLYCEROL 'C3 H8 O3'
SO4 non-polymer 'SULFATE ION' 'O4 S -2'
#
# COMPACT_ATOMS: atom_id res chain seq x y z
N GLN A 1 18.74 7.50 -18.60
CA GLN A 1 18.83 8.40 -17.42
C GLN A 1 17.79 7.93 -16.42
N VAL A 2 18.15 8.04 -15.15
CA VAL A 2 17.24 7.68 -14.04
C VAL A 2 16.15 8.75 -14.04
N GLN A 3 14.86 8.36 -14.04
CA GLN A 3 13.76 9.33 -13.89
C GLN A 3 12.81 8.92 -12.77
N LEU A 4 12.35 9.88 -11.99
CA LEU A 4 11.40 9.66 -10.88
C LEU A 4 10.34 10.75 -10.98
N VAL A 5 9.11 10.36 -11.27
CA VAL A 5 8.03 11.31 -11.48
C VAL A 5 6.92 11.06 -10.49
N GLU A 6 6.67 12.05 -9.68
CA GLU A 6 5.65 11.92 -8.67
C GLU A 6 4.33 12.40 -9.15
N SER A 7 3.29 11.79 -8.61
CA SER A 7 1.92 12.24 -8.84
C SER A 7 1.07 11.93 -7.61
N GLY A 8 -0.23 12.17 -7.72
CA GLY A 8 -1.12 12.11 -6.59
C GLY A 8 -0.94 13.27 -5.64
N GLY A 9 -1.36 13.06 -4.40
CA GLY A 9 -1.27 14.09 -3.39
C GLY A 9 -2.26 15.21 -3.67
N GLY A 10 -1.98 16.39 -3.14
CA GLY A 10 -2.82 17.54 -3.38
C GLY A 10 -3.52 18.08 -2.13
N LEU A 11 -4.75 18.53 -2.31
CA LEU A 11 -5.51 19.21 -1.27
C LEU A 11 -6.52 18.21 -0.66
N VAL A 12 -6.58 18.16 0.66
CA VAL A 12 -7.51 17.31 1.36
C VAL A 12 -7.97 18.01 2.68
N GLN A 13 -9.17 17.69 3.15
CA GLN A 13 -9.63 18.18 4.47
C GLN A 13 -8.92 17.43 5.61
N PRO A 14 -8.76 18.05 6.78
CA PRO A 14 -8.26 17.34 7.94
C PRO A 14 -9.04 16.05 8.15
N GLY A 15 -8.30 14.97 8.45
CA GLY A 15 -8.86 13.66 8.68
C GLY A 15 -9.01 12.80 7.46
N GLY A 16 -8.80 13.37 6.28
CA GLY A 16 -8.97 12.69 5.03
C GLY A 16 -7.73 11.92 4.59
N SER A 17 -7.81 11.37 3.40
CA SER A 17 -6.80 10.43 2.90
C SER A 17 -6.30 10.88 1.52
N LEU A 18 -5.01 10.64 1.25
CA LEU A 18 -4.40 10.90 -0.05
C LEU A 18 -3.40 9.82 -0.32
N ARG A 19 -3.14 9.55 -1.59
CA ARG A 19 -2.09 8.61 -1.98
C ARG A 19 -1.11 9.36 -2.89
N LEU A 20 0.17 9.20 -2.63
CA LEU A 20 1.22 9.61 -3.56
C LEU A 20 1.75 8.44 -4.35
N SER A 21 2.18 8.72 -5.58
CA SER A 21 2.78 7.77 -6.49
C SER A 21 4.10 8.34 -7.00
N CYS A 22 5.01 7.44 -7.32
CA CYS A 22 6.32 7.77 -7.87
C CYS A 22 6.64 6.74 -8.94
N ALA A 23 6.67 7.16 -10.19
CA ALA A 23 6.93 6.27 -11.32
C ALA A 23 8.41 6.38 -11.67
N ALA A 24 9.08 5.24 -11.66
CA ALA A 24 10.53 5.16 -11.85
C ALA A 24 10.83 4.52 -13.19
N SER A 25 11.89 5.02 -13.82
CA SER A 25 12.45 4.40 -15.00
C SER A 25 13.95 4.67 -15.10
N GLY A 26 14.61 3.93 -15.97
CA GLY A 26 16.00 4.14 -16.27
C GLY A 26 16.94 3.33 -15.39
N PHE A 27 16.40 2.40 -14.60
CA PHE A 27 17.23 1.54 -13.75
C PHE A 27 16.42 0.30 -13.37
N THR A 28 17.08 -0.72 -12.86
CA THR A 28 16.41 -1.91 -12.36
C THR A 28 15.76 -1.56 -11.01
N PHE A 29 14.47 -1.31 -11.06
CA PHE A 29 13.74 -0.75 -9.92
C PHE A 29 13.93 -1.53 -8.64
N SER A 30 13.74 -2.85 -8.71
CA SER A 30 13.77 -3.74 -7.53
C SER A 30 15.18 -3.90 -6.92
N SER A 31 16.21 -3.44 -7.63
CA SER A 31 17.57 -3.42 -7.09
C SER A 31 17.85 -2.33 -6.09
N TYR A 32 16.94 -1.38 -5.96
CA TYR A 32 17.18 -0.19 -5.13
C TYR A 32 16.11 0.01 -4.07
N ALA A 33 16.56 0.36 -2.85
CA ALA A 33 15.72 0.89 -1.82
C ALA A 33 15.17 2.24 -2.24
N MSE A 34 13.96 2.56 -1.79
CA MSE A 34 13.29 3.81 -2.14
C MSE A 34 12.78 4.45 -0.87
O MSE A 34 12.50 3.79 0.11
CB MSE A 34 12.14 3.56 -3.13
CG MSE A 34 12.46 2.83 -4.35
SE MSE A 34 13.31 3.93 -5.70
CE MSE A 34 12.14 5.44 -5.80
N SER A 35 12.70 5.78 -0.87
CA SER A 35 12.21 6.49 0.29
C SER A 35 11.27 7.66 -0.10
N TRP A 36 10.56 8.16 0.90
CA TRP A 36 9.76 9.40 0.81
C TRP A 36 10.23 10.35 1.90
N PHE A 37 10.41 11.62 1.53
CA PHE A 37 10.77 12.71 2.41
C PHE A 37 9.75 13.82 2.27
N ARG A 38 9.70 14.69 3.25
CA ARG A 38 8.91 15.88 3.12
C ARG A 38 9.61 17.11 3.65
N GLN A 39 9.22 18.23 3.08
CA GLN A 39 9.73 19.53 3.50
C GLN A 39 8.58 20.53 3.66
N ALA A 40 8.37 20.93 4.90
CA ALA A 40 7.37 21.93 5.25
C ALA A 40 8.01 23.33 5.23
N PRO A 41 7.19 24.38 5.07
CA PRO A 41 7.75 25.73 4.98
C PRO A 41 8.63 26.10 6.20
N GLY A 42 9.86 26.53 5.93
CA GLY A 42 10.78 27.02 6.95
C GLY A 42 11.37 25.90 7.82
N LYS A 43 11.31 24.67 7.32
CA LYS A 43 11.82 23.50 8.01
C LYS A 43 12.73 22.73 7.06
N GLU A 44 13.63 21.93 7.61
CA GLU A 44 14.48 21.08 6.80
C GLU A 44 13.68 19.90 6.27
N ARG A 45 14.09 19.38 5.13
CA ARG A 45 13.57 18.12 4.57
C ARG A 45 13.82 16.97 5.56
N GLU A 46 12.84 16.09 5.74
CA GLU A 46 12.92 15.04 6.74
C GLU A 46 12.37 13.74 6.16
N ILE A 47 12.94 12.60 6.56
CA ILE A 47 12.42 11.31 6.10
C ILE A 47 11.04 11.05 6.68
N VAL A 48 10.22 10.39 5.85
CA VAL A 48 8.89 9.95 6.20
C VAL A 48 8.84 8.43 6.27
N SER A 49 9.36 7.76 5.23
CA SER A 49 9.27 6.31 5.13
C SER A 49 10.26 5.79 4.11
N ALA A 50 10.66 4.53 4.23
CA ALA A 50 11.53 3.90 3.27
C ALA A 50 11.24 2.42 3.13
N VAL A 51 11.68 1.83 2.01
CA VAL A 51 11.39 0.45 1.67
C VAL A 51 12.57 -0.16 0.93
N SER A 52 12.88 -1.40 1.29
CA SER A 52 13.91 -2.17 0.60
C SER A 52 13.53 -2.46 -0.84
N GLY A 53 14.54 -2.79 -1.63
CA GLY A 53 14.35 -3.21 -3.01
C GLY A 53 13.20 -4.21 -3.26
N SER A 54 13.18 -5.29 -2.50
CA SER A 54 12.17 -6.34 -2.61
C SER A 54 10.81 -5.96 -2.02
N GLY A 55 10.77 -4.92 -1.17
CA GLY A 55 9.61 -4.53 -0.39
C GLY A 55 9.51 -5.23 0.97
N GLY A 56 10.45 -6.12 1.25
CA GLY A 56 10.45 -6.94 2.46
C GLY A 56 10.70 -6.26 3.77
N SER A 57 11.29 -5.08 3.73
CA SER A 57 11.56 -4.32 4.93
C SER A 57 11.17 -2.89 4.73
N THR A 58 10.56 -2.30 5.73
CA THR A 58 10.10 -0.92 5.67
C THR A 58 10.48 -0.19 6.93
N TYR A 59 10.44 1.14 6.80
CA TYR A 59 10.73 2.08 7.89
C TYR A 59 9.73 3.23 7.84
N TYR A 60 9.27 3.68 9.01
CA TYR A 60 8.38 4.84 9.17
C TYR A 60 8.92 5.74 10.27
N ALA A 61 8.95 7.03 10.00
CA ALA A 61 9.13 8.02 11.05
C ALA A 61 8.03 7.89 12.10
N ASP A 62 8.38 8.11 13.38
CA ASP A 62 7.42 8.00 14.46
C ASP A 62 6.15 8.85 14.23
N SER A 63 6.29 10.04 13.63
CA SER A 63 5.17 10.97 13.45
C SER A 63 4.12 10.46 12.49
N VAL A 64 4.46 9.48 11.67
CA VAL A 64 3.50 8.97 10.66
C VAL A 64 3.14 7.50 10.81
N ARG A 65 3.71 6.82 11.80
CA ARG A 65 3.39 5.42 12.00
C ARG A 65 1.91 5.17 12.18
N GLY A 66 1.42 4.12 11.53
CA GLY A 66 0.03 3.75 11.58
C GLY A 66 -0.84 4.52 10.60
N ARG A 67 -0.49 5.75 10.28
CA ARG A 67 -1.29 6.57 9.37
C ARG A 67 -0.81 6.43 7.93
N PHE A 68 0.50 6.23 7.75
CA PHE A 68 1.09 6.13 6.41
C PHE A 68 1.56 4.69 6.13
N THR A 69 1.42 4.26 4.87
CA THR A 69 1.86 2.96 4.36
C THR A 69 2.62 3.15 3.07
N ILE A 70 3.88 2.73 3.09
CA ILE A 70 4.72 2.67 1.89
C ILE A 70 4.55 1.29 1.27
N SER A 71 4.66 1.26 -0.05
CA SER A 71 4.63 0.05 -0.81
C SER A 71 5.19 0.29 -2.19
N ARG A 72 5.46 -0.79 -2.90
CA ARG A 72 5.99 -0.70 -4.24
C ARG A 72 5.43 -1.85 -5.08
N ASP A 73 5.35 -1.59 -6.39
CA ASP A 73 5.02 -2.62 -7.36
C ASP A 73 6.23 -2.83 -8.26
N ASN A 74 6.86 -3.98 -8.09
CA ASN A 74 8.12 -4.28 -8.77
C ASN A 74 7.99 -4.77 -10.20
N SER A 75 6.75 -4.87 -10.68
CA SER A 75 6.49 -5.10 -12.10
C SER A 75 6.20 -3.79 -12.82
N LYS A 76 5.45 -2.88 -12.17
CA LYS A 76 5.03 -1.58 -12.72
C LYS A 76 6.08 -0.49 -12.48
N ASN A 77 7.09 -0.80 -11.68
CA ASN A 77 8.12 0.15 -11.28
C ASN A 77 7.53 1.45 -10.69
N THR A 78 6.68 1.27 -9.70
CA THR A 78 6.01 2.38 -9.05
C THR A 78 6.15 2.23 -7.54
N LEU A 79 6.38 3.37 -6.88
CA LEU A 79 6.43 3.48 -5.43
C LEU A 79 5.18 4.27 -5.00
N TYR A 80 4.61 3.89 -3.86
CA TYR A 80 3.41 4.55 -3.33
C TYR A 80 3.59 4.94 -1.87
N LEU A 81 2.83 5.95 -1.48
CA LEU A 81 2.60 6.27 -0.09
C LEU A 81 1.13 6.53 0.11
N GLN A 82 0.49 5.66 0.89
CA GLN A 82 -0.90 5.84 1.26
C GLN A 82 -0.98 6.54 2.59
N MSE A 83 -1.67 7.67 2.63
CA MSE A 83 -1.77 8.49 3.84
C MSE A 83 -3.22 8.58 4.31
O MSE A 83 -4.12 9.02 3.54
CB MSE A 83 -1.19 9.89 3.54
CG MSE A 83 0.27 9.84 3.19
SE MSE A 83 0.91 11.60 2.58
CE MSE A 83 -0.04 11.81 1.08
N ASN A 84 -3.48 8.15 5.54
CA ASN A 84 -4.79 8.27 6.15
C ASN A 84 -4.75 9.20 7.35
N SER A 85 -5.91 9.68 7.79
CA SER A 85 -6.00 10.56 8.97
C SER A 85 -4.98 11.70 8.90
N LEU A 86 -4.98 12.39 7.77
CA LEU A 86 -4.06 13.48 7.56
C LEU A 86 -4.38 14.68 8.48
N ARG A 87 -3.33 15.35 8.92
CA ARG A 87 -3.49 16.50 9.77
C ARG A 87 -2.72 17.69 9.22
N ALA A 88 -3.00 18.89 9.74
CA ALA A 88 -2.27 20.09 9.27
C ALA A 88 -0.75 20.00 9.34
N GLU A 89 -0.24 19.28 10.32
CA GLU A 89 1.20 19.07 10.51
C GLU A 89 1.84 18.28 9.34
N ASP A 90 1.01 17.59 8.57
CA ASP A 90 1.50 16.84 7.43
C ASP A 90 1.64 17.66 6.14
N THR A 91 1.13 18.89 6.13
CA THR A 91 1.28 19.76 4.95
C THR A 91 2.76 19.99 4.62
N ALA A 92 3.14 19.73 3.37
CA ALA A 92 4.50 19.83 2.93
C ALA A 92 4.58 19.51 1.46
N VAL A 93 5.76 19.72 0.92
CA VAL A 93 6.14 19.18 -0.39
C VAL A 93 6.80 17.82 -0.13
N TYR A 94 6.28 16.78 -0.76
CA TYR A 94 6.76 15.43 -0.57
C TYR A 94 7.60 14.98 -1.76
N TYR A 95 8.73 14.32 -1.49
CA TYR A 95 9.66 13.87 -2.50
C TYR A 95 9.91 12.38 -2.38
N CYS A 96 9.99 11.69 -3.52
CA CYS A 96 10.53 10.34 -3.49
C CYS A 96 12.00 10.40 -3.85
N ALA A 97 12.73 9.40 -3.39
CA ALA A 97 14.13 9.27 -3.68
C ALA A 97 14.50 7.80 -3.91
N ARG A 98 15.44 7.59 -4.82
CA ARG A 98 16.08 6.31 -4.98
C ARG A 98 17.32 6.36 -4.13
N GLU A 99 17.43 5.40 -3.22
CA GLU A 99 18.63 5.27 -2.41
C GLU A 99 19.69 4.64 -3.28
N PRO A 100 20.95 5.06 -3.15
CA PRO A 100 21.98 4.55 -4.06
C PRO A 100 22.44 3.11 -3.78
N ARG A 101 23.25 2.58 -4.69
CA ARG A 101 23.85 1.28 -4.49
C ARG A 101 24.73 1.31 -3.24
N ILE A 102 24.72 0.23 -2.48
CA ILE A 102 25.52 0.14 -1.27
C ILE A 102 26.99 0.17 -1.67
N PRO A 103 27.86 0.83 -0.90
CA PRO A 103 27.56 1.61 0.31
C PRO A 103 27.70 3.13 0.12
N ARG A 104 27.21 3.63 -1.01
CA ARG A 104 27.25 5.04 -1.27
C ARG A 104 26.42 5.87 -0.28
N PRO A 105 26.86 7.07 -0.01
CA PRO A 105 26.15 7.95 0.90
C PRO A 105 24.97 8.68 0.22
N PRO A 106 24.13 9.37 1.00
CA PRO A 106 22.94 10.06 0.48
C PRO A 106 23.13 11.12 -0.60
N SER A 107 24.35 11.64 -0.77
CA SER A 107 24.63 12.52 -1.88
C SER A 107 24.42 11.87 -3.25
N PHE A 108 24.36 10.54 -3.28
CA PHE A 108 24.11 9.80 -4.51
C PHE A 108 22.61 9.45 -4.67
N ASP A 109 21.75 9.99 -3.82
CA ASP A 109 20.29 9.86 -4.05
C ASP A 109 19.86 10.49 -5.40
N TYR A 110 18.87 9.93 -6.06
CA TYR A 110 18.16 10.61 -7.14
C TYR A 110 16.83 11.00 -6.55
N TRP A 111 16.34 12.18 -6.91
CA TRP A 111 15.14 12.72 -6.30
C TRP A 111 14.05 12.92 -7.35
N GLY A 112 12.80 12.61 -6.98
CA GLY A 112 11.65 13.09 -7.75
C GLY A 112 11.54 14.60 -7.66
N GLN A 113 10.60 15.17 -8.41
CA GLN A 113 10.45 16.63 -8.51
C GLN A 113 9.82 17.29 -7.29
N GLY A 114 9.13 16.51 -6.50
CA GLY A 114 8.39 17.01 -5.35
C GLY A 114 6.95 17.31 -5.71
N THR A 115 6.02 17.02 -4.79
CA THR A 115 4.64 17.37 -5.00
C THR A 115 3.93 17.78 -3.72
N LEU A 116 3.00 18.72 -3.85
CA LEU A 116 2.33 19.30 -2.70
C LEU A 116 1.29 18.40 -2.07
N VAL A 117 1.30 18.36 -0.74
CA VAL A 117 0.22 17.82 0.06
C VAL A 117 -0.16 18.94 0.98
N THR A 118 -1.42 19.34 0.92
CA THR A 118 -1.88 20.48 1.70
C THR A 118 -3.21 20.14 2.36
N VAL A 119 -3.20 20.16 3.69
CA VAL A 119 -4.31 19.68 4.49
C VAL A 119 -4.95 20.90 5.09
N SER A 120 -6.12 21.28 4.58
CA SER A 120 -6.79 22.49 5.07
C SER A 120 -8.31 22.45 5.10
N SER A 121 -8.84 23.14 6.12
CA SER A 121 -10.28 23.28 6.38
C SER A 121 -11.15 23.65 5.19
N GLN B 1 -27.37 -0.66 0.09
CA GLN B 1 -26.86 -2.03 0.38
C GLN B 1 -25.33 -1.98 0.39
N VAL B 2 -24.74 -2.83 1.23
CA VAL B 2 -23.29 -3.00 1.37
C VAL B 2 -22.80 -3.75 0.15
N GLN B 3 -21.90 -3.12 -0.62
CA GLN B 3 -21.22 -3.87 -1.71
C GLN B 3 -19.70 -3.74 -1.63
N LEU B 4 -19.02 -4.78 -2.07
CA LEU B 4 -17.58 -4.86 -2.13
C LEU B 4 -17.27 -5.38 -3.51
N VAL B 5 -16.72 -4.54 -4.37
CA VAL B 5 -16.42 -4.91 -5.75
C VAL B 5 -14.95 -5.11 -5.95
N GLU B 6 -14.59 -6.35 -6.18
CA GLU B 6 -13.19 -6.74 -6.23
C GLU B 6 -12.64 -6.68 -7.66
N SER B 7 -11.41 -6.21 -7.83
CA SER B 7 -10.73 -6.15 -9.13
C SER B 7 -9.20 -6.32 -9.06
N GLY B 8 -8.58 -6.59 -10.21
CA GLY B 8 -7.13 -6.83 -10.28
C GLY B 8 -6.88 -8.35 -10.40
N GLY B 9 -5.73 -8.82 -9.96
CA GLY B 9 -5.51 -10.27 -9.96
C GLY B 9 -5.23 -10.75 -11.37
N GLY B 10 -5.52 -12.01 -11.66
CA GLY B 10 -5.19 -12.64 -12.95
C GLY B 10 -3.91 -13.47 -12.93
N LEU B 11 -3.19 -13.48 -14.05
CA LEU B 11 -2.07 -14.39 -14.28
C LEU B 11 -0.75 -13.64 -14.13
N VAL B 12 0.26 -14.26 -13.52
CA VAL B 12 1.58 -13.62 -13.35
C VAL B 12 2.66 -14.69 -13.30
N GLN B 13 3.85 -14.38 -13.82
CA GLN B 13 4.98 -15.31 -13.70
C GLN B 13 5.52 -15.30 -12.28
N PRO B 14 6.15 -16.38 -11.86
CA PRO B 14 6.80 -16.39 -10.56
C PRO B 14 7.81 -15.25 -10.45
N GLY B 15 7.88 -14.64 -9.27
CA GLY B 15 8.71 -13.47 -9.04
C GLY B 15 8.02 -12.17 -9.38
N GLY B 16 6.86 -12.26 -10.05
CA GLY B 16 6.11 -11.11 -10.47
C GLY B 16 5.30 -10.43 -9.34
N SER B 17 4.68 -9.30 -9.67
CA SER B 17 3.87 -8.48 -8.74
C SER B 17 2.45 -8.31 -9.28
N LEU B 18 1.47 -8.22 -8.38
CA LEU B 18 0.08 -7.96 -8.74
C LEU B 18 -0.55 -7.13 -7.63
N ARG B 19 -1.48 -6.28 -7.98
CA ARG B 19 -2.25 -5.54 -6.96
C ARG B 19 -3.72 -5.89 -7.09
N LEU B 20 -4.35 -6.22 -5.98
CA LEU B 20 -5.78 -6.42 -5.96
C LEU B 20 -6.44 -5.19 -5.29
N SER B 21 -7.67 -4.87 -5.71
CA SER B 21 -8.42 -3.74 -5.14
C SER B 21 -9.81 -4.19 -4.79
N CYS B 22 -10.43 -3.45 -3.88
CA CYS B 22 -11.80 -3.71 -3.47
C CYS B 22 -12.47 -2.38 -3.20
N ALA B 23 -13.48 -2.04 -4.02
CA ALA B 23 -14.20 -0.77 -3.91
C ALA B 23 -15.46 -1.00 -3.09
N ALA B 24 -15.56 -0.33 -1.95
CA ALA B 24 -16.62 -0.53 -0.97
C ALA B 24 -17.67 0.56 -1.09
N SER B 25 -18.93 0.20 -0.86
CA SER B 25 -19.99 1.19 -0.79
C SER B 25 -21.12 0.65 0.11
N GLY B 26 -21.98 1.56 0.54
CA GLY B 26 -23.16 1.23 1.31
C GLY B 26 -22.96 1.18 2.80
N PHE B 27 -21.79 1.63 3.27
CA PHE B 27 -21.51 1.72 4.71
C PHE B 27 -20.40 2.74 4.96
N THR B 28 -20.24 3.16 6.21
CA THR B 28 -19.12 4.00 6.62
C THR B 28 -17.83 3.15 6.67
N PHE B 29 -17.05 3.29 5.61
CA PHE B 29 -15.92 2.40 5.34
C PHE B 29 -14.95 2.38 6.49
N SER B 30 -14.56 3.57 6.95
CA SER B 30 -13.55 3.71 8.01
C SER B 30 -13.99 3.16 9.39
N SER B 31 -15.26 2.88 9.55
CA SER B 31 -15.76 2.28 10.77
C SER B 31 -15.55 0.78 10.87
N TYR B 32 -15.11 0.12 9.79
CA TYR B 32 -14.95 -1.33 9.80
C TYR B 32 -13.53 -1.79 9.44
N ALA B 33 -13.04 -2.78 10.16
CA ALA B 33 -11.85 -3.49 9.76
C ALA B 33 -12.12 -4.28 8.48
N MSE B 34 -11.07 -4.47 7.67
CA MSE B 34 -11.18 -5.13 6.37
C MSE B 34 -10.11 -6.20 6.28
O MSE B 34 -9.07 -6.13 6.97
CB MSE B 34 -11.07 -4.17 5.19
CG MSE B 34 -11.95 -2.94 5.24
SE MSE B 34 -13.78 -3.39 4.74
CE MSE B 34 -13.47 -4.09 3.01
N SER B 35 -10.33 -7.21 5.45
CA SER B 35 -9.39 -8.27 5.35
C SER B 35 -9.34 -8.87 3.93
N TRP B 36 -8.28 -9.61 3.67
CA TRP B 36 -8.11 -10.44 2.49
C TRP B 36 -7.88 -11.87 2.93
N PHE B 37 -8.60 -12.81 2.28
CA PHE B 37 -8.49 -14.24 2.47
C PHE B 37 -8.16 -14.88 1.13
N ARG B 38 -7.68 -16.11 1.18
CA ARG B 38 -7.48 -16.87 -0.03
C ARG B 38 -7.81 -18.33 0.13
N GLN B 39 -8.19 -18.97 -0.96
CA GLN B 39 -8.47 -20.39 -0.96
C GLN B 39 -7.66 -21.04 -2.09
N ALA B 40 -6.86 -22.02 -1.73
CA ALA B 40 -5.96 -22.70 -2.67
C ALA B 40 -6.53 -24.08 -2.89
N PRO B 41 -6.18 -24.71 -4.01
CA PRO B 41 -6.79 -25.99 -4.38
C PRO B 41 -6.64 -27.01 -3.24
N GLY B 42 -7.75 -27.66 -2.92
CA GLY B 42 -7.77 -28.69 -1.91
C GLY B 42 -7.75 -28.21 -0.47
N LYS B 43 -7.72 -26.89 -0.24
CA LYS B 43 -7.61 -26.34 1.11
C LYS B 43 -8.79 -25.42 1.48
N GLU B 44 -8.95 -25.18 2.77
CA GLU B 44 -9.96 -24.30 3.35
C GLU B 44 -9.49 -22.84 3.17
N ARG B 45 -10.45 -21.93 3.00
CA ARG B 45 -10.15 -20.51 2.84
C ARG B 45 -9.41 -20.06 4.10
N GLU B 46 -8.37 -19.24 3.93
CA GLU B 46 -7.53 -18.82 5.06
C GLU B 46 -7.25 -17.32 5.00
N ILE B 47 -7.09 -16.71 6.15
CA ILE B 47 -6.72 -15.27 6.18
C ILE B 47 -5.31 -15.06 5.60
N VAL B 48 -5.19 -13.93 4.90
CA VAL B 48 -3.95 -13.46 4.31
C VAL B 48 -3.47 -12.22 5.04
N SER B 49 -4.35 -11.24 5.16
CA SER B 49 -3.99 -9.98 5.82
C SER B 49 -5.26 -9.27 6.32
N ALA B 50 -5.13 -8.38 7.30
CA ALA B 50 -6.25 -7.58 7.77
C ALA B 50 -5.75 -6.21 8.23
N VAL B 51 -6.69 -5.29 8.28
CA VAL B 51 -6.41 -3.88 8.62
C VAL B 51 -7.58 -3.28 9.41
N SER B 52 -7.24 -2.53 10.45
CA SER B 52 -8.23 -1.84 11.27
C SER B 52 -8.93 -0.72 10.48
N GLY B 53 -10.08 -0.30 10.99
CA GLY B 53 -10.86 0.78 10.41
C GLY B 53 -10.05 1.98 9.96
N SER B 54 -9.19 2.48 10.86
CA SER B 54 -8.38 3.68 10.63
C SER B 54 -7.18 3.40 9.77
N GLY B 55 -6.77 2.13 9.65
CA GLY B 55 -5.54 1.73 8.98
C GLY B 55 -4.33 1.59 9.90
N GLY B 56 -4.53 1.91 11.17
CA GLY B 56 -3.44 2.00 12.13
C GLY B 56 -2.90 0.71 12.66
N SER B 57 -3.57 -0.41 12.41
CA SER B 57 -3.12 -1.71 12.85
C SER B 57 -3.34 -2.72 11.72
N THR B 58 -2.31 -3.50 11.43
CA THR B 58 -2.36 -4.51 10.37
C THR B 58 -1.89 -5.87 10.89
N TYR B 59 -2.32 -6.87 10.14
CA TYR B 59 -1.98 -8.24 10.39
C TYR B 59 -1.59 -8.91 9.07
N TYR B 60 -0.54 -9.74 9.13
CA TYR B 60 -0.14 -10.61 8.00
C TYR B 60 0.05 -12.04 8.40
N ALA B 61 -0.49 -12.95 7.62
CA ALA B 61 -0.13 -14.36 7.79
C ALA B 61 1.37 -14.58 7.57
N ASP B 62 1.98 -15.55 8.29
CA ASP B 62 3.42 -15.72 8.22
C ASP B 62 3.87 -16.01 6.77
N SER B 63 3.03 -16.69 6.01
CA SER B 63 3.39 -17.13 4.66
C SER B 63 3.55 -15.97 3.68
N VAL B 64 3.01 -14.79 4.02
CA VAL B 64 3.06 -13.68 3.09
C VAL B 64 3.80 -12.45 3.62
N ARG B 65 4.34 -12.54 4.82
CA ARG B 65 5.03 -11.42 5.45
C ARG B 65 6.15 -10.92 4.59
N GLY B 66 6.21 -9.61 4.45
CA GLY B 66 7.26 -8.97 3.67
C GLY B 66 6.97 -8.92 2.18
N ARG B 67 6.17 -9.84 1.64
CA ARG B 67 5.85 -9.84 0.22
C ARG B 67 4.55 -9.13 -0.11
N PHE B 68 3.59 -9.16 0.82
CA PHE B 68 2.25 -8.59 0.64
C PHE B 68 2.10 -7.37 1.57
N THR B 69 1.38 -6.36 1.10
CA THR B 69 1.09 -5.18 1.86
C THR B 69 -0.39 -4.86 1.69
N ILE B 70 -1.12 -4.76 2.81
CA ILE B 70 -2.50 -4.30 2.84
C ILE B 70 -2.49 -2.78 3.05
N SER B 71 -3.46 -2.10 2.46
CA SER B 71 -3.67 -0.67 2.71
C SER B 71 -5.09 -0.32 2.37
N ARG B 72 -5.50 0.85 2.84
CA ARG B 72 -6.82 1.34 2.54
C ARG B 72 -6.75 2.85 2.34
N ASP B 73 -7.69 3.36 1.56
CA ASP B 73 -7.86 4.77 1.36
C ASP B 73 -9.25 5.12 1.90
N ASN B 74 -9.30 5.85 3.00
CA ASN B 74 -10.56 6.09 3.68
C ASN B 74 -11.36 7.30 3.15
N SER B 75 -10.90 7.89 2.07
CA SER B 75 -11.63 8.92 1.31
C SER B 75 -12.23 8.31 0.04
N LYS B 76 -11.43 7.51 -0.69
CA LYS B 76 -11.90 6.76 -1.86
C LYS B 76 -12.78 5.53 -1.50
N ASN B 77 -12.72 5.11 -0.24
CA ASN B 77 -13.34 3.87 0.24
C ASN B 77 -12.90 2.63 -0.58
N THR B 78 -11.59 2.46 -0.62
CA THR B 78 -10.95 1.35 -1.36
C THR B 78 -9.99 0.61 -0.45
N LEU B 79 -9.95 -0.70 -0.62
CA LEU B 79 -9.00 -1.60 0.03
C LEU B 79 -8.03 -2.16 -1.01
N TYR B 80 -6.75 -2.29 -0.67
CA TYR B 80 -5.74 -2.82 -1.55
C TYR B 80 -4.96 -3.94 -0.97
N LEU B 81 -4.45 -4.81 -1.85
CA LEU B 81 -3.45 -5.81 -1.54
C LEU B 81 -2.36 -5.76 -2.59
N GLN B 82 -1.17 -5.30 -2.21
CA GLN B 82 0.00 -5.27 -3.11
C GLN B 82 0.81 -6.52 -2.88
N MSE B 83 1.03 -7.29 -3.93
CA MSE B 83 1.76 -8.56 -3.84
C MSE B 83 3.02 -8.47 -4.69
O MSE B 83 2.96 -8.14 -5.88
CB MSE B 83 0.85 -9.70 -4.31
CG MSE B 83 -0.39 -9.77 -3.48
SE MSE B 83 -1.63 -11.24 -4.07
CE MSE B 83 -2.29 -10.47 -5.41
N ASN B 84 4.15 -8.71 -4.06
CA ASN B 84 5.42 -8.83 -4.75
C ASN B 84 6.00 -10.25 -4.56
N SER B 85 6.98 -10.59 -5.39
CA SER B 85 7.70 -11.85 -5.28
C SER B 85 6.73 -13.02 -5.17
N LEU B 86 5.78 -13.04 -6.08
CA LEU B 86 4.74 -14.05 -6.06
C LEU B 86 5.37 -15.42 -6.39
N ARG B 87 4.83 -16.46 -5.75
CA ARG B 87 5.30 -17.84 -5.90
C ARG B 87 4.13 -18.70 -6.37
N ALA B 88 4.46 -19.85 -6.94
CA ALA B 88 3.45 -20.82 -7.35
C ALA B 88 2.46 -21.14 -6.25
N GLU B 89 2.92 -21.25 -5.00
CA GLU B 89 2.02 -21.59 -3.90
C GLU B 89 1.05 -20.47 -3.48
N ASP B 90 1.17 -19.28 -4.09
CA ASP B 90 0.24 -18.20 -3.89
C ASP B 90 -0.99 -18.30 -4.79
N THR B 91 -1.00 -19.25 -5.74
CA THR B 91 -2.13 -19.47 -6.59
C THR B 91 -3.36 -19.79 -5.75
N ALA B 92 -4.43 -19.05 -5.99
CA ALA B 92 -5.64 -19.13 -5.18
C ALA B 92 -6.69 -18.21 -5.68
N VAL B 93 -7.92 -18.40 -5.19
CA VAL B 93 -8.95 -17.39 -5.26
C VAL B 93 -8.77 -16.48 -4.06
N TYR B 94 -8.68 -15.18 -4.32
CA TYR B 94 -8.51 -14.14 -3.29
C TYR B 94 -9.83 -13.41 -3.08
N TYR B 95 -10.17 -13.16 -1.82
CA TYR B 95 -11.39 -12.50 -1.45
C TYR B 95 -11.10 -11.33 -0.53
N CYS B 96 -11.82 -10.24 -0.76
CA CYS B 96 -11.87 -9.18 0.26
C CYS B 96 -13.09 -9.36 1.14
N ALA B 97 -12.97 -8.90 2.37
CA ALA B 97 -14.05 -9.00 3.35
C ALA B 97 -14.15 -7.77 4.22
N ARG B 98 -15.37 -7.42 4.58
CA ARG B 98 -15.65 -6.47 5.64
C ARG B 98 -15.91 -7.22 6.92
N GLU B 99 -15.09 -6.91 7.92
CA GLU B 99 -15.25 -7.54 9.22
C GLU B 99 -16.42 -6.81 9.89
N PRO B 100 -17.25 -7.55 10.65
CA PRO B 100 -18.45 -6.96 11.20
C PRO B 100 -18.22 -6.05 12.39
N ARG B 101 -19.25 -5.33 12.78
CA ARG B 101 -19.26 -4.59 14.02
C ARG B 101 -18.95 -5.52 15.22
N ILE B 102 -18.13 -5.03 16.13
CA ILE B 102 -17.74 -5.75 17.35
C ILE B 102 -19.01 -5.94 18.18
N PRO B 103 -19.22 -7.10 18.81
CA PRO B 103 -18.35 -8.30 18.79
C PRO B 103 -18.94 -9.45 17.98
N ARG B 104 -19.51 -9.14 16.82
CA ARG B 104 -20.07 -10.16 15.97
C ARG B 104 -19.01 -11.13 15.44
N PRO B 105 -19.39 -12.40 15.30
CA PRO B 105 -18.44 -13.41 14.87
C PRO B 105 -18.31 -13.38 13.34
N PRO B 106 -17.31 -14.08 12.82
CA PRO B 106 -16.99 -14.09 11.39
C PRO B 106 -18.10 -14.47 10.44
N SER B 107 -19.22 -15.01 10.95
CA SER B 107 -20.38 -15.25 10.12
C SER B 107 -21.16 -14.01 9.66
N PHE B 108 -20.86 -12.83 10.21
CA PHE B 108 -21.48 -11.58 9.76
C PHE B 108 -20.58 -10.79 8.78
N ASP B 109 -19.52 -11.44 8.30
CA ASP B 109 -18.59 -10.86 7.30
C ASP B 109 -19.38 -10.62 6.07
N TYR B 110 -19.01 -9.58 5.31
CA TYR B 110 -19.47 -9.40 3.94
C TYR B 110 -18.28 -9.59 3.01
N TRP B 111 -18.51 -10.22 1.86
CA TRP B 111 -17.42 -10.66 1.00
C TRP B 111 -17.50 -10.06 -0.40
N GLY B 112 -16.35 -9.85 -1.02
CA GLY B 112 -16.26 -9.68 -2.44
C GLY B 112 -16.47 -11.04 -3.09
N GLN B 113 -16.68 -11.05 -4.40
CA GLN B 113 -17.02 -12.28 -5.10
C GLN B 113 -15.88 -13.28 -5.27
N GLY B 114 -14.65 -12.81 -5.16
CA GLY B 114 -13.47 -13.61 -5.33
C GLY B 114 -12.81 -13.36 -6.69
N THR B 115 -11.51 -13.43 -6.74
CA THR B 115 -10.78 -13.30 -7.99
C THR B 115 -9.63 -14.30 -8.01
N LEU B 116 -9.49 -15.01 -9.12
CA LEU B 116 -8.43 -16.01 -9.24
C LEU B 116 -7.11 -15.29 -9.51
N VAL B 117 -6.06 -15.69 -8.80
CA VAL B 117 -4.68 -15.28 -9.08
C VAL B 117 -3.92 -16.59 -9.34
N THR B 118 -3.31 -16.68 -10.51
CA THR B 118 -2.56 -17.86 -10.93
C THR B 118 -1.10 -17.47 -11.16
N VAL B 119 -0.21 -18.09 -10.44
CA VAL B 119 1.23 -17.84 -10.53
C VAL B 119 1.87 -19.08 -11.18
N SER B 120 2.23 -18.94 -12.44
CA SER B 120 2.80 -20.06 -13.20
C SER B 120 3.66 -19.55 -14.38
N SER B 121 4.57 -20.42 -14.82
CA SER B 121 5.51 -20.13 -15.92
C SER B 121 4.86 -20.24 -17.27
S SO4 C . 20.83 -0.30 -13.00
O1 SO4 C . 21.98 -1.20 -13.00
O2 SO4 C . 21.23 1.00 -12.44
O3 SO4 C . 20.38 -0.15 -14.37
O4 SO4 C . 19.79 -0.91 -12.21
C1 GOL D . 4.33 -2.48 6.61
O1 GOL D . 4.78 -1.43 5.75
C2 GOL D . 3.21 -1.97 7.49
O2 GOL D . 2.60 -0.82 7.00
C3 GOL D . 2.11 -2.97 7.72
O3 GOL D . 0.97 -2.85 6.86
C1 GOL E . -10.49 23.16 1.68
O1 GOL E . -10.90 24.23 0.82
C2 GOL E . -11.12 21.84 1.27
O2 GOL E . -10.36 20.73 1.73
C3 GOL E . -12.54 21.70 1.80
O3 GOL E . -13.25 20.79 0.97
C1 GOL F . -2.93 3.15 -9.91
O1 GOL F . -2.09 4.11 -10.53
C2 GOL F . -4.28 3.74 -9.51
O2 GOL F . -4.47 5.04 -9.99
C3 GOL F . -5.49 2.93 -9.88
O3 GOL F . -6.56 3.62 -9.29
C1 GOL G . 13.32 -5.43 -15.61
O1 GOL G . 13.78 -6.33 -14.62
C2 GOL G . 13.54 -3.99 -15.17
O2 GOL G . 14.89 -3.64 -15.35
C3 GOL G . 13.15 -3.82 -13.71
O3 GOL G . 12.89 -2.47 -13.39
S SO4 H . -14.11 -23.29 2.64
O1 SO4 H . -13.21 -22.60 3.57
O2 SO4 H . -13.95 -22.82 1.28
O3 SO4 H . -13.92 -24.71 2.80
O4 SO4 H . -15.49 -23.05 3.06
S SO4 I . -26.92 -9.04 16.43
O1 SO4 I . -25.47 -9.03 16.26
O2 SO4 I . -27.62 -8.78 15.16
O3 SO4 I . -27.27 -10.40 16.81
O4 SO4 I . -27.33 -8.00 17.39
S SO4 J . -22.72 2.09 8.79
O1 SO4 J . -21.58 1.65 8.04
O2 SO4 J . -23.67 2.75 7.90
O3 SO4 J . -23.35 0.91 9.39
O4 SO4 J . -22.25 2.99 9.85
S SO4 K . 1.34 -9.66 14.58
O1 SO4 K . 2.10 -9.95 15.79
O2 SO4 K . 1.95 -8.50 13.92
O3 SO4 K . 1.44 -10.89 13.74
O4 SO4 K . -0.05 -9.33 14.85
C1 GOL L . 0.20 -19.51 6.98
O1 GOL L . 1.14 -18.49 7.24
C2 GOL L . -0.84 -19.06 5.98
O2 GOL L . -2.07 -19.44 6.53
C3 GOL L . -0.60 -19.63 4.57
O3 GOL L . -1.15 -20.91 4.34
#